data_5XBU
#
_entry.id   5XBU
#
_cell.length_a   34.176
_cell.length_b   46.637
_cell.length_c   92.193
_cell.angle_alpha   90.00
_cell.angle_beta   90.00
_cell.angle_gamma   90.00
#
_symmetry.space_group_name_H-M   'P 21 21 21'
#
loop_
_entity.id
_entity.type
_entity.pdbx_description
1 polymer Endo-beta-1,4-glucanase
2 water water
#
_entity_poly.entity_id   1
_entity_poly.type   'polypeptide(L)'
_entity_poly.pdbx_seq_one_letter_code
;SLEKRAQLCQPDAHGVRRFNGRPCASTTRYVDGHKGACGCGQKGSDTPFPWNLQKHVTAPSERYFDDGGSNLWCGKNCGK
CVRLTPTGGFVPGKGGAPPNHNPVVFMVTNACPINGNEEWCGISGKPGTNHVNSHGYEVHFDLQDQVGQVEALHWDNPEV
TWEEVPCPGDLQANYQQCECHNSDHHHHHH
;
_entity_poly.pdbx_strand_id   A
#
# COMPACT_ATOMS: atom_id res chain seq x y z
N ARG A 5 19.69 -11.21 -9.71
N ARG A 5 19.79 -11.50 -9.35
CA ARG A 5 19.35 -10.24 -8.69
CA ARG A 5 19.36 -10.23 -8.78
C ARG A 5 18.20 -9.34 -9.16
C ARG A 5 18.19 -9.60 -9.55
N ALA A 6 16.98 -9.86 -9.07
CA ALA A 6 15.82 -9.14 -9.57
C ALA A 6 15.41 -8.01 -8.65
N GLN A 7 15.61 -8.19 -7.33
CA GLN A 7 15.33 -7.15 -6.36
C GLN A 7 16.52 -6.19 -6.33
N LEU A 8 16.25 -4.93 -6.64
CA LEU A 8 17.30 -3.93 -6.76
C LEU A 8 17.53 -3.14 -5.49
N CYS A 9 16.62 -3.23 -4.51
CA CYS A 9 16.83 -2.59 -3.22
C CYS A 9 17.65 -3.53 -2.34
N GLN A 10 18.85 -3.10 -1.98
N GLN A 10 18.85 -3.10 -1.95
CA GLN A 10 19.63 -4.03 -1.17
CA GLN A 10 19.76 -3.91 -1.14
C GLN A 10 19.32 -3.88 0.31
C GLN A 10 19.37 -3.86 0.33
N PRO A 11 19.36 -4.99 1.05
CA PRO A 11 19.15 -4.92 2.49
C PRO A 11 20.26 -4.13 3.16
N ASP A 12 19.88 -3.26 4.08
CA ASP A 12 20.83 -2.55 4.92
C ASP A 12 21.29 -3.46 6.07
N ALA A 13 22.07 -2.90 6.99
CA ALA A 13 22.60 -3.69 8.10
C ALA A 13 21.52 -4.27 8.99
N HIS A 14 20.33 -3.67 8.96
CA HIS A 14 19.20 -4.09 9.77
C HIS A 14 18.22 -4.93 9.00
N GLY A 15 18.55 -5.27 7.75
CA GLY A 15 17.71 -6.10 6.91
C GLY A 15 16.69 -5.36 6.08
N VAL A 16 16.62 -4.05 6.17
CA VAL A 16 15.59 -3.28 5.47
C VAL A 16 16.10 -2.96 4.06
N ARG A 17 15.33 -3.34 3.05
CA ARG A 17 15.73 -3.05 1.68
C ARG A 17 15.53 -1.57 1.36
N ARG A 18 16.58 -0.97 0.80
CA ARG A 18 16.61 0.45 0.49
C ARG A 18 17.21 0.65 -0.88
N PHE A 19 17.00 1.84 -1.44
CA PHE A 19 17.48 2.17 -2.78
C PHE A 19 17.90 3.62 -2.76
N ASN A 20 19.22 3.82 -2.86
N ASN A 20 19.17 3.92 -2.99
CA ASN A 20 19.92 5.06 -2.55
CA ASN A 20 19.56 5.33 -3.12
C ASN A 20 19.43 5.70 -1.25
C ASN A 20 19.08 6.17 -1.93
N GLY A 21 19.30 4.87 -0.21
N GLY A 21 19.18 5.60 -0.73
CA GLY A 21 18.88 5.31 1.09
CA GLY A 21 18.84 6.29 0.50
C GLY A 21 17.36 5.36 1.26
C GLY A 21 17.40 6.22 0.91
N ARG A 22 16.61 5.55 0.17
N ARG A 22 16.54 5.65 0.07
CA ARG A 22 15.16 5.62 0.25
CA ARG A 22 15.10 5.65 0.26
C ARG A 22 14.61 4.24 0.62
C ARG A 22 14.59 4.26 0.61
N PRO A 23 13.58 4.15 1.46
CA PRO A 23 13.04 2.83 1.79
C PRO A 23 12.26 2.27 0.61
N CYS A 24 12.37 0.96 0.43
CA CYS A 24 11.58 0.28 -0.57
C CYS A 24 10.35 -0.38 0.02
N ALA A 25 9.40 -0.66 -0.86
CA ALA A 25 8.21 -1.41 -0.56
C ALA A 25 7.99 -2.44 -1.64
N SER A 26 7.40 -3.55 -1.25
CA SER A 26 6.81 -4.47 -2.22
C SER A 26 5.39 -4.05 -2.52
N THR A 27 4.89 -4.52 -3.67
CA THR A 27 3.53 -4.27 -4.08
C THR A 27 2.92 -5.54 -4.65
N THR A 28 1.60 -5.64 -4.54
CA THR A 28 0.77 -6.62 -5.22
C THR A 28 -0.49 -5.90 -5.70
N ARG A 29 -1.36 -6.63 -6.38
N ARG A 29 -1.39 -6.62 -6.34
CA ARG A 29 -2.70 -6.16 -6.74
CA ARG A 29 -2.68 -6.06 -6.69
C ARG A 29 -3.73 -6.95 -5.97
C ARG A 29 -3.76 -6.96 -6.11
N TYR A 30 -4.91 -6.34 -5.81
CA TYR A 30 -6.01 -7.08 -5.24
C TYR A 30 -7.31 -6.56 -5.79
N VAL A 31 -8.35 -7.37 -5.72
N VAL A 31 -8.31 -7.41 -5.59
CA VAL A 31 -9.48 -6.98 -6.54
CA VAL A 31 -9.70 -7.21 -5.91
C VAL A 31 -10.80 -7.18 -5.78
C VAL A 31 -10.53 -7.97 -4.87
N ASP A 32 -10.72 -7.15 -4.45
N ASP A 32 -11.61 -7.36 -4.36
CA ASP A 32 -11.91 -7.35 -3.64
CA ASP A 32 -12.51 -8.08 -3.44
C ASP A 32 -12.72 -6.06 -3.52
C ASP A 32 -13.87 -7.40 -3.27
N GLY A 33 -14.00 -6.20 -3.82
CA GLY A 33 -15.12 -5.29 -3.78
C GLY A 33 -15.68 -4.90 -2.44
N HIS A 34 -14.94 -5.07 -1.35
CA HIS A 34 -15.40 -4.66 -0.04
C HIS A 34 -15.32 -3.14 0.09
N LYS A 35 -16.10 -2.61 1.04
CA LYS A 35 -15.98 -1.19 1.36
C LYS A 35 -14.58 -0.86 1.85
N GLY A 36 -14.06 -1.66 2.76
CA GLY A 36 -12.70 -1.50 3.24
C GLY A 36 -12.62 -0.86 4.61
N ALA A 37 -11.39 -0.90 5.13
CA ALA A 37 -11.10 -0.63 6.52
C ALA A 37 -11.11 0.84 6.89
N CYS A 38 -11.22 1.74 5.92
CA CYS A 38 -11.31 3.16 6.20
C CYS A 38 -12.73 3.68 6.03
N GLY A 39 -13.70 2.79 5.81
CA GLY A 39 -15.08 3.24 5.74
C GLY A 39 -15.41 4.06 4.51
N CYS A 40 -14.74 3.80 3.38
CA CYS A 40 -14.94 4.56 2.16
C CYS A 40 -16.12 3.99 1.35
N GLY A 41 -17.28 4.10 1.96
CA GLY A 41 -18.57 3.79 1.35
C GLY A 41 -19.65 4.21 2.32
N GLN A 42 -20.88 3.87 1.93
N GLN A 42 -20.90 4.13 1.88
CA GLN A 42 -22.07 4.13 2.73
CA GLN A 42 -21.96 4.62 2.76
C GLN A 42 -21.93 3.54 4.12
C GLN A 42 -21.97 3.83 4.07
N LYS A 43 -22.19 4.37 5.14
N LYS A 43 -22.27 4.51 5.17
CA LYS A 43 -22.13 3.91 6.52
CA LYS A 43 -22.20 3.90 6.48
C LYS A 43 -23.12 2.77 6.73
C LYS A 43 -23.10 2.67 6.57
N GLY A 44 -22.65 1.67 7.32
CA GLY A 44 -23.48 0.53 7.62
C GLY A 44 -23.58 -0.53 6.54
N SER A 45 -23.08 -0.24 5.35
N SER A 45 -23.09 -0.27 5.33
CA SER A 45 -23.04 -1.18 4.24
CA SER A 45 -23.17 -1.21 4.22
C SER A 45 -21.65 -1.77 4.10
C SER A 45 -21.78 -1.50 3.66
N ASP A 46 -21.54 -2.75 3.23
CA ASP A 46 -20.26 -3.17 2.68
C ASP A 46 -20.11 -2.76 1.22
N THR A 47 -20.54 -1.53 0.89
CA THR A 47 -20.55 -1.06 -0.49
C THR A 47 -19.57 0.09 -0.63
N PRO A 48 -18.44 -0.10 -1.31
CA PRO A 48 -17.52 1.02 -1.49
C PRO A 48 -18.12 2.08 -2.38
N PHE A 49 -17.73 3.31 -2.16
CA PHE A 49 -17.97 4.32 -3.17
C PHE A 49 -17.28 3.90 -4.47
N PRO A 50 -17.89 4.17 -5.62
CA PRO A 50 -17.24 3.80 -6.88
C PRO A 50 -15.80 4.30 -6.99
N TRP A 51 -15.52 5.53 -6.53
CA TRP A 51 -14.16 6.02 -6.65
C TRP A 51 -13.16 5.11 -5.93
N ASN A 52 -13.59 4.45 -4.86
CA ASN A 52 -12.71 3.58 -4.09
C ASN A 52 -12.48 2.21 -4.75
N LEU A 53 -13.19 1.92 -5.83
CA LEU A 53 -12.88 0.81 -6.71
C LEU A 53 -12.12 1.23 -7.96
N GLN A 54 -12.15 2.52 -8.30
CA GLN A 54 -11.66 3.01 -9.59
C GLN A 54 -10.31 3.70 -9.53
N LYS A 55 -10.00 4.36 -8.43
CA LYS A 55 -8.86 5.26 -8.33
C LYS A 55 -7.63 4.52 -7.83
N HIS A 56 -6.51 5.26 -7.70
CA HIS A 56 -5.27 4.74 -7.18
C HIS A 56 -5.37 4.72 -5.66
N VAL A 57 -5.87 3.59 -5.15
CA VAL A 57 -6.04 3.39 -3.72
C VAL A 57 -5.36 2.08 -3.33
N THR A 58 -5.00 2.00 -2.06
CA THR A 58 -4.19 0.91 -1.56
C THR A 58 -4.67 0.43 -0.19
N ALA A 59 -4.36 -0.84 0.04
CA ALA A 59 -4.41 -1.52 1.34
C ALA A 59 -2.98 -1.82 1.77
N PRO A 60 -2.38 -1.01 2.62
CA PRO A 60 -1.02 -1.32 3.11
C PRO A 60 -1.06 -2.43 4.13
N SER A 61 0.09 -3.05 4.30
CA SER A 61 0.30 -3.98 5.39
C SER A 61 -0.08 -3.33 6.74
N GLU A 62 -0.60 -4.20 7.60
CA GLU A 62 -1.31 -3.81 8.81
C GLU A 62 -0.53 -2.84 9.71
N ARG A 63 0.73 -3.13 10.00
CA ARG A 63 1.45 -2.29 10.96
C ARG A 63 1.70 -0.89 10.43
N TYR A 64 1.84 -0.68 9.12
CA TYR A 64 1.83 0.68 8.61
C TYR A 64 0.42 1.26 8.65
N PHE A 65 -0.57 0.49 8.19
CA PHE A 65 -1.95 0.94 8.20
C PHE A 65 -2.35 1.59 9.52
N ASP A 66 -1.98 0.94 10.63
CA ASP A 66 -2.36 1.45 11.96
C ASP A 66 -1.16 1.94 12.76
N ASP A 67 -0.09 2.35 12.10
CA ASP A 67 1.06 2.97 12.78
C ASP A 67 1.50 2.20 14.02
N GLY A 68 1.71 0.89 13.85
CA GLY A 68 2.16 -0.01 14.90
C GLY A 68 1.06 -0.76 15.63
N GLY A 69 -0.18 -0.31 15.51
CA GLY A 69 -1.32 -0.97 16.11
C GLY A 69 -1.86 -2.10 15.28
N SER A 70 -2.99 -2.68 15.76
N SER A 70 -2.95 -2.69 15.79
CA SER A 70 -3.71 -3.78 15.13
CA SER A 70 -3.64 -3.81 15.17
C SER A 70 -5.17 -3.42 14.85
C SER A 70 -5.07 -3.46 14.77
N ASN A 71 -5.50 -2.14 14.81
N ASN A 71 -5.43 -2.19 14.85
CA ASN A 71 -6.86 -1.72 14.54
CA ASN A 71 -6.77 -1.79 14.45
C ASN A 71 -7.12 -1.75 13.04
C ASN A 71 -6.95 -1.97 12.96
N LEU A 72 -8.04 -2.62 12.60
CA LEU A 72 -8.39 -2.81 11.21
C LEU A 72 -9.61 -2.01 10.80
N TRP A 73 -10.05 -1.06 11.62
CA TRP A 73 -11.10 -0.11 11.30
C TRP A 73 -10.58 1.26 11.68
N CYS A 74 -10.54 2.18 10.73
CA CYS A 74 -10.04 3.53 10.98
C CYS A 74 -8.63 3.48 11.56
N GLY A 75 -7.75 2.77 10.86
CA GLY A 75 -6.35 2.80 11.19
C GLY A 75 -5.80 4.21 11.15
N LYS A 76 -4.71 4.40 11.89
N LYS A 76 -4.72 4.41 11.91
CA LYS A 76 -4.13 5.73 12.02
CA LYS A 76 -4.13 5.74 12.01
C LYS A 76 -3.71 6.33 10.69
C LYS A 76 -3.82 6.33 10.65
N ASN A 77 -3.35 5.51 9.70
CA ASN A 77 -2.91 6.01 8.41
C ASN A 77 -3.97 5.94 7.31
N CYS A 78 -5.24 5.73 7.68
CA CYS A 78 -6.32 5.92 6.71
C CYS A 78 -6.24 7.32 6.15
N GLY A 79 -6.43 7.43 4.83
CA GLY A 79 -6.44 8.70 4.17
C GLY A 79 -5.10 9.31 3.88
N LYS A 80 -4.00 8.68 4.30
CA LYS A 80 -2.68 9.13 3.88
C LYS A 80 -2.46 8.77 2.43
N CYS A 81 -1.60 9.52 1.76
CA CYS A 81 -1.18 9.20 0.42
C CYS A 81 0.30 8.86 0.40
N VAL A 82 0.64 7.92 -0.48
CA VAL A 82 2.01 7.47 -0.67
C VAL A 82 2.35 7.57 -2.16
N ARG A 83 3.56 8.02 -2.44
N ARG A 83 3.53 8.09 -2.46
CA ARG A 83 4.06 8.07 -3.81
CA ARG A 83 4.05 8.07 -3.81
C ARG A 83 5.01 6.90 -4.00
C ARG A 83 4.94 6.84 -3.93
N LEU A 84 4.65 6.02 -4.93
CA LEU A 84 5.38 4.79 -5.19
C LEU A 84 6.11 4.94 -6.53
N THR A 85 7.43 4.77 -6.51
CA THR A 85 8.26 4.92 -7.70
C THR A 85 8.93 3.61 -8.01
N PRO A 86 8.64 2.96 -9.13
CA PRO A 86 9.33 1.70 -9.45
C PRO A 86 10.84 1.88 -9.52
N THR A 87 11.55 0.87 -9.04
CA THR A 87 13.01 0.82 -9.19
C THR A 87 13.43 0.08 -10.46
N GLY A 88 12.54 -0.70 -11.06
CA GLY A 88 12.90 -1.71 -12.05
C GLY A 88 12.99 -3.10 -11.49
N GLY A 89 12.97 -3.23 -10.17
CA GLY A 89 13.06 -4.51 -9.53
C GLY A 89 11.72 -5.17 -9.32
N PHE A 90 11.80 -6.41 -8.83
CA PHE A 90 10.66 -7.27 -8.52
C PHE A 90 11.21 -8.50 -7.81
N VAL A 91 10.32 -9.24 -7.16
CA VAL A 91 10.72 -10.48 -6.49
C VAL A 91 10.74 -11.60 -7.53
N PRO A 92 11.84 -12.34 -7.66
CA PRO A 92 11.91 -13.33 -8.73
C PRO A 92 10.77 -14.35 -8.62
N GLY A 93 10.10 -14.56 -9.75
CA GLY A 93 9.01 -15.51 -9.84
C GLY A 93 7.69 -14.97 -9.34
N LYS A 94 7.67 -13.71 -8.86
CA LYS A 94 6.52 -13.09 -8.20
C LYS A 94 6.31 -11.67 -8.68
N GLY A 95 6.62 -11.40 -9.94
CA GLY A 95 6.45 -10.08 -10.50
C GLY A 95 7.32 -9.96 -11.74
N GLY A 96 7.46 -8.73 -12.22
CA GLY A 96 8.31 -8.45 -13.36
C GLY A 96 8.65 -6.98 -13.41
N ALA A 97 9.51 -6.63 -14.38
CA ALA A 97 10.02 -5.28 -14.51
C ALA A 97 9.01 -4.45 -15.31
N PRO A 98 8.60 -3.29 -14.82
CA PRO A 98 7.54 -2.55 -15.49
C PRO A 98 8.07 -1.81 -16.71
N PRO A 99 7.16 -1.36 -17.60
CA PRO A 99 7.61 -0.68 -18.84
C PRO A 99 8.22 0.69 -18.60
N ASN A 100 7.86 1.36 -17.52
CA ASN A 100 8.43 2.66 -17.19
C ASN A 100 8.44 2.79 -15.68
N HIS A 101 9.12 3.83 -15.21
CA HIS A 101 9.23 4.11 -13.78
C HIS A 101 8.48 5.37 -13.37
N ASN A 102 7.43 5.72 -14.09
CA ASN A 102 6.65 6.87 -13.67
C ASN A 102 6.11 6.64 -12.25
N PRO A 103 6.22 7.62 -11.37
N PRO A 103 6.27 7.59 -11.34
CA PRO A 103 5.67 7.46 -10.02
CA PRO A 103 5.71 7.40 -10.00
C PRO A 103 4.15 7.54 -10.07
C PRO A 103 4.21 7.64 -9.98
N VAL A 104 3.53 6.93 -9.06
CA VAL A 104 2.08 7.00 -8.92
C VAL A 104 1.77 7.18 -7.44
N VAL A 105 0.84 8.07 -7.16
CA VAL A 105 0.36 8.35 -5.81
C VAL A 105 -0.90 7.54 -5.54
N PHE A 106 -0.91 6.84 -4.40
CA PHE A 106 -2.05 6.04 -3.97
C PHE A 106 -2.52 6.54 -2.61
N MET A 107 -3.84 6.49 -2.38
CA MET A 107 -4.40 6.82 -1.08
C MET A 107 -4.74 5.56 -0.30
N VAL A 108 -4.40 5.57 0.99
CA VAL A 108 -4.73 4.48 1.89
C VAL A 108 -6.23 4.49 2.19
N THR A 109 -6.92 3.43 1.76
CA THR A 109 -8.36 3.30 2.03
C THR A 109 -8.72 1.96 2.63
N ASN A 110 -7.76 1.06 2.84
CA ASN A 110 -8.05 -0.28 3.32
C ASN A 110 -6.78 -0.81 3.96
N ALA A 111 -6.87 -2.01 4.54
CA ALA A 111 -5.75 -2.66 5.21
C ALA A 111 -5.50 -4.04 4.61
N CYS A 112 -4.22 -4.43 4.61
CA CYS A 112 -3.78 -5.78 4.29
C CYS A 112 -3.39 -6.42 5.62
N PRO A 113 -4.30 -7.17 6.27
N PRO A 113 -4.27 -7.24 6.20
CA PRO A 113 -3.96 -7.70 7.60
CA PRO A 113 -4.01 -7.78 7.54
C PRO A 113 -2.89 -8.76 7.51
C PRO A 113 -2.89 -8.82 7.50
N ILE A 114 -2.13 -8.90 8.59
CA ILE A 114 -1.17 -9.99 8.71
C ILE A 114 -1.89 -11.31 8.51
N ASN A 115 -3.03 -11.48 9.15
CA ASN A 115 -3.78 -12.72 9.06
C ASN A 115 -4.23 -12.95 7.62
N GLY A 116 -3.85 -14.08 7.05
CA GLY A 116 -4.18 -14.39 5.67
C GLY A 116 -3.27 -13.79 4.64
N ASN A 117 -2.26 -13.00 5.03
CA ASN A 117 -1.34 -12.37 4.09
C ASN A 117 0.08 -12.42 4.63
N GLU A 118 0.55 -13.62 4.97
CA GLU A 118 1.85 -13.73 5.63
C GLU A 118 2.98 -13.27 4.73
N GLU A 119 3.02 -13.76 3.49
CA GLU A 119 4.20 -13.55 2.64
C GLU A 119 4.52 -12.07 2.49
N TRP A 120 3.50 -11.27 2.18
CA TRP A 120 3.69 -9.87 1.82
C TRP A 120 3.41 -8.92 2.98
N CYS A 121 2.39 -9.20 3.79
CA CYS A 121 1.95 -8.27 4.83
C CYS A 121 2.32 -8.70 6.23
N GLY A 122 2.99 -9.85 6.38
CA GLY A 122 3.49 -10.33 7.66
C GLY A 122 4.75 -9.59 8.06
N ILE A 123 4.51 -8.40 8.62
CA ILE A 123 5.55 -7.47 9.04
C ILE A 123 5.17 -7.10 10.46
N SER A 124 6.04 -7.40 11.43
N SER A 124 6.03 -7.39 11.43
CA SER A 124 5.65 -7.34 12.82
CA SER A 124 5.62 -7.34 12.84
C SER A 124 6.02 -6.04 13.51
C SER A 124 5.74 -5.95 13.46
N GLY A 125 6.28 -4.99 12.76
CA GLY A 125 6.44 -3.65 13.29
C GLY A 125 6.26 -2.65 12.18
N LYS A 126 5.99 -1.41 12.56
CA LYS A 126 5.79 -0.33 11.62
C LYS A 126 7.12 0.05 10.97
N PRO A 127 7.07 0.81 9.86
CA PRO A 127 8.32 1.33 9.28
C PRO A 127 9.10 2.11 10.32
N GLY A 128 10.44 1.96 10.33
CA GLY A 128 11.32 2.56 11.33
C GLY A 128 11.77 1.60 12.39
N THR A 129 11.16 0.44 12.45
CA THR A 129 11.50 -0.52 13.49
C THR A 129 12.28 -1.70 12.96
N ASN A 130 12.67 -1.67 11.67
CA ASN A 130 13.52 -2.70 11.07
C ASN A 130 12.86 -4.07 11.02
N HIS A 131 11.52 -4.09 10.99
CA HIS A 131 10.80 -5.32 10.73
C HIS A 131 10.43 -5.36 9.26
N VAL A 132 10.60 -6.53 8.65
CA VAL A 132 10.39 -6.67 7.21
C VAL A 132 9.52 -7.88 6.91
N ASN A 133 8.95 -7.89 5.70
CA ASN A 133 8.27 -9.07 5.22
C ASN A 133 9.27 -10.13 4.74
N SER A 134 8.73 -11.22 4.24
CA SER A 134 9.54 -12.37 3.83
C SER A 134 10.45 -12.05 2.67
N HIS A 135 10.27 -10.92 2.00
CA HIS A 135 11.09 -10.49 0.87
C HIS A 135 11.99 -9.33 1.22
N GLY A 136 11.99 -8.88 2.49
CA GLY A 136 12.93 -7.88 2.96
C GLY A 136 12.45 -6.45 2.91
N TYR A 137 11.13 -6.23 2.77
CA TYR A 137 10.61 -4.87 2.70
C TYR A 137 9.93 -4.48 4.01
N GLU A 138 10.13 -3.23 4.41
CA GLU A 138 9.54 -2.73 5.65
C GLU A 138 8.04 -2.48 5.58
N VAL A 139 7.48 -2.44 4.38
CA VAL A 139 6.07 -2.17 4.18
C VAL A 139 5.68 -2.78 2.84
N HIS A 140 4.39 -3.10 2.73
CA HIS A 140 3.80 -3.64 1.53
C HIS A 140 2.58 -2.82 1.16
N PHE A 141 2.39 -2.55 -0.12
CA PHE A 141 1.19 -1.87 -0.63
C PHE A 141 0.43 -2.80 -1.57
N ASP A 142 -0.77 -3.21 -1.16
CA ASP A 142 -1.66 -3.96 -2.04
C ASP A 142 -2.48 -2.95 -2.81
N LEU A 143 -2.46 -3.01 -4.12
CA LEU A 143 -3.01 -1.96 -4.95
C LEU A 143 -4.35 -2.40 -5.54
N GLN A 144 -5.40 -1.61 -5.30
CA GLN A 144 -6.74 -1.93 -5.82
C GLN A 144 -6.71 -1.96 -7.35
N ASP A 145 -7.27 -3.03 -7.92
CA ASP A 145 -7.24 -3.22 -9.37
C ASP A 145 -8.61 -3.60 -9.93
N GLN A 146 -9.70 -3.30 -9.20
CA GLN A 146 -11.03 -3.75 -9.61
C GLN A 146 -11.34 -3.41 -11.05
N VAL A 147 -10.96 -2.22 -11.51
CA VAL A 147 -11.29 -1.77 -12.87
C VAL A 147 -10.06 -1.73 -13.77
N GLY A 148 -9.02 -2.46 -13.40
CA GLY A 148 -7.85 -2.53 -14.24
C GLY A 148 -6.92 -1.34 -14.15
N GLN A 149 -7.03 -0.52 -13.09
CA GLN A 149 -6.21 0.69 -13.00
C GLN A 149 -4.74 0.38 -12.79
N VAL A 150 -4.42 -0.76 -12.16
CA VAL A 150 -3.02 -1.17 -12.02
C VAL A 150 -2.56 -1.88 -13.28
N GLU A 151 -3.43 -2.68 -13.90
CA GLU A 151 -3.13 -3.26 -15.19
C GLU A 151 -2.77 -2.17 -16.20
N ALA A 152 -3.46 -1.02 -16.14
CA ALA A 152 -3.18 0.09 -17.05
C ALA A 152 -1.82 0.74 -16.83
N LEU A 153 -1.26 0.61 -15.62
CA LEU A 153 0.12 1.00 -15.34
C LEU A 153 1.11 -0.05 -15.85
N HIS A 154 0.64 -1.27 -16.12
CA HIS A 154 1.48 -2.41 -16.46
C HIS A 154 2.42 -2.77 -15.32
N TRP A 155 1.93 -2.61 -14.10
CA TRP A 155 2.70 -2.97 -12.91
C TRP A 155 2.37 -4.41 -12.54
N ASP A 156 3.38 -5.26 -12.57
CA ASP A 156 3.30 -6.65 -12.14
C ASP A 156 4.14 -6.78 -10.86
N ASN A 157 3.51 -6.46 -9.74
CA ASN A 157 4.14 -6.50 -8.43
C ASN A 157 5.51 -5.82 -8.39
N PRO A 158 5.65 -4.61 -8.92
CA PRO A 158 6.98 -4.00 -8.94
C PRO A 158 7.47 -3.69 -7.55
N GLU A 159 8.79 -3.74 -7.40
CA GLU A 159 9.51 -3.12 -6.30
C GLU A 159 9.48 -1.60 -6.48
N VAL A 160 9.25 -0.87 -5.39
CA VAL A 160 9.15 0.59 -5.47
C VAL A 160 9.92 1.19 -4.31
N THR A 161 10.29 2.46 -4.45
CA THR A 161 10.55 3.30 -3.30
C THR A 161 9.26 3.99 -2.90
N TRP A 162 9.12 4.29 -1.60
CA TRP A 162 7.85 4.82 -1.10
C TRP A 162 8.10 6.02 -0.20
N GLU A 163 7.17 6.98 -0.26
N GLU A 163 7.14 6.96 -0.25
CA GLU A 163 7.16 8.06 0.72
CA GLU A 163 7.17 8.15 0.58
C GLU A 163 5.76 8.58 0.87
C GLU A 163 5.75 8.63 0.82
N GLU A 164 5.46 9.12 2.03
CA GLU A 164 4.18 9.80 2.24
C GLU A 164 4.24 11.16 1.57
N VAL A 165 3.12 11.56 0.97
CA VAL A 165 3.01 12.86 0.31
C VAL A 165 1.64 13.42 0.60
N PRO A 166 1.47 14.73 0.52
CA PRO A 166 0.12 15.29 0.58
C PRO A 166 -0.74 14.67 -0.52
N CYS A 167 -2.00 14.39 -0.21
CA CYS A 167 -2.88 13.82 -1.22
C CYS A 167 -3.23 14.84 -2.28
N PRO A 168 -3.32 14.43 -3.53
CA PRO A 168 -3.90 15.28 -4.56
C PRO A 168 -5.31 15.70 -4.14
N GLY A 169 -5.74 16.87 -4.63
CA GLY A 169 -6.98 17.44 -4.14
C GLY A 169 -8.19 16.56 -4.37
N ASP A 170 -8.24 15.86 -5.49
CA ASP A 170 -9.40 15.02 -5.74
C ASP A 170 -9.48 13.87 -4.74
N LEU A 171 -8.34 13.28 -4.40
CA LEU A 171 -8.31 12.18 -3.43
C LEU A 171 -8.63 12.69 -2.04
N GLN A 172 -8.14 13.88 -1.72
N GLN A 172 -8.11 13.87 -1.67
CA GLN A 172 -8.45 14.47 -0.43
CA GLN A 172 -8.49 14.45 -0.38
C GLN A 172 -9.95 14.72 -0.27
C GLN A 172 -10.00 14.60 -0.30
N ALA A 173 -10.60 15.18 -1.35
CA ALA A 173 -12.03 15.39 -1.32
C ALA A 173 -12.79 14.06 -1.23
N ASN A 174 -12.34 13.05 -1.98
CA ASN A 174 -12.93 11.72 -1.86
C ASN A 174 -12.89 11.24 -0.42
N TYR A 175 -11.73 11.37 0.23
CA TYR A 175 -11.55 10.80 1.56
C TYR A 175 -12.50 11.44 2.59
N GLN A 176 -12.89 12.69 2.35
CA GLN A 176 -13.79 13.38 3.27
C GLN A 176 -15.11 12.66 3.45
N GLN A 177 -15.53 11.87 2.46
CA GLN A 177 -16.76 11.13 2.66
C GLN A 177 -16.58 9.75 3.26
N CYS A 178 -15.34 9.32 3.54
CA CYS A 178 -15.15 8.08 4.25
C CYS A 178 -15.49 8.25 5.73
N GLU A 179 -16.01 7.17 6.31
CA GLU A 179 -16.47 7.26 7.69
C GLU A 179 -15.34 7.54 8.66
N CYS A 180 -14.13 7.12 8.31
CA CYS A 180 -12.99 7.31 9.20
C CYS A 180 -12.41 8.72 9.15
N HIS A 181 -12.87 9.55 8.21
CA HIS A 181 -12.40 10.94 8.18
C HIS A 181 -12.78 11.62 9.49
N ASN A 182 -11.77 12.16 10.19
CA ASN A 182 -11.94 12.79 11.51
C ASN A 182 -12.32 11.79 12.60
N SER A 183 -11.72 10.61 12.58
CA SER A 183 -12.05 9.60 13.60
C SER A 183 -11.10 9.67 14.80
#